data_2AJY
#
_entry.id   2AJY
#
_cell.length_a   83.569
_cell.length_b   89.802
_cell.length_c   154.446
_cell.angle_alpha   90.00
_cell.angle_beta   90.00
_cell.angle_gamma   90.00
#
_symmetry.space_group_name_H-M   'C 2 2 21'
#
loop_
_entity.id
_entity.type
_entity.pdbx_description
1 polymer "Antibody 7A1 Fab'"
2 polymer "Antibody 7A1 Fab'"
3 non-polymer 'ZINC ION'
4 non-polymer '3-HYDROXY-8-METHYL-8-AZA-BICYCLO[3.2.1]OCTANE-2-CARBOXYLIC ACID METHYL ESTER'
5 non-polymer 'BENZOIC ACID'
6 water water
#
loop_
_entity_poly.entity_id
_entity_poly.type
_entity_poly.pdbx_seq_one_letter_code
_entity_poly.pdbx_strand_id
1 'polypeptide(L)'
;DIVITQDELSNPVTSGESVSISCRSSRSLLYKDGRTYLNWFLQRPGQSPQLLIYLMSTRASGVSDRFSGSGSGTDFTLEI
SRVKAEDVGVYYCQQFVEYPFTFGSGTKLEIKRADAAPTVSIFPPSSEQLTSGGASVVCFLNNFYPKDINVKWKIDGSER
QNGVLNSWTDQDSKDSTYSMSSTLTLTKDEYERHNSYTCEATHKTSTSPIVKSFNR
;
L
2 'polypeptide(L)'
;EVKLSESGPGLVKPSQSLSLTCTVTGYSITTNYAWTWIRQFPGNKLEWMGYIRSSVITRYNPSLKSRISITQDTSKNQFF
LQLNSVTTEDTATYYCARYDYYGNTGDYWGQGTSVTVSSAKTTPPSVYPLAPGTAALKSSMVTLGCLVKGYFPEPVTVTW
NSGSLSSGVHTFPAVLQSDLYTLTSSVTVPSSTWPSQTVTCNVAHPASSTKVDKKIVPR
;
H
#
loop_
_chem_comp.id
_chem_comp.type
_chem_comp.name
_chem_comp.formula
BEZ non-polymer 'BENZOIC ACID' 'C7 H6 O2'
ECG non-polymer '3-HYDROXY-8-METHYL-8-AZA-BICYCLO[3.2.1]OCTANE-2-CARBOXYLIC ACID METHYL ESTER' 'C10 H17 N O3'
ZN non-polymer 'ZINC ION' 'Zn 2'
#
# COMPACT_ATOMS: atom_id res chain seq x y z
N ASP A 1 -19.65 -20.54 9.71
CA ASP A 1 -18.36 -20.01 9.17
C ASP A 1 -17.45 -19.67 10.35
N ILE A 2 -16.24 -20.23 10.33
CA ILE A 2 -15.29 -20.00 11.41
C ILE A 2 -14.78 -18.56 11.45
N VAL A 3 -14.91 -17.93 12.61
CA VAL A 3 -14.47 -16.56 12.81
C VAL A 3 -13.18 -16.54 13.60
N ILE A 4 -12.21 -15.77 13.13
CA ILE A 4 -10.92 -15.65 13.79
C ILE A 4 -10.68 -14.20 14.20
N THR A 5 -10.52 -13.96 15.49
CA THR A 5 -10.28 -12.61 15.97
C THR A 5 -8.80 -12.33 16.26
N GLN A 6 -8.38 -11.10 16.01
CA GLN A 6 -7.01 -10.65 16.24
C GLN A 6 -7.09 -9.22 16.73
N ASP A 7 -6.18 -8.84 17.62
CA ASP A 7 -6.18 -7.47 18.11
C ASP A 7 -5.70 -6.58 16.96
N GLU A 8 -6.30 -5.41 16.83
CA GLU A 8 -5.95 -4.48 15.76
C GLU A 8 -4.47 -4.06 15.79
N LEU A 9 -3.96 -3.82 16.99
CA LEU A 9 -2.57 -3.40 17.18
C LEU A 9 -1.84 -4.16 18.27
N SER A 10 -0.53 -3.98 18.30
CA SER A 10 0.29 -4.58 19.35
C SER A 10 0.90 -3.39 20.09
N ASN A 11 1.33 -3.62 21.34
CA ASN A 11 2.00 -2.55 22.10
C ASN A 11 3.26 -2.28 21.30
N PRO A 12 3.72 -1.03 21.25
CA PRO A 12 4.94 -0.83 20.47
C PRO A 12 6.14 -1.63 21.00
N VAL A 13 6.81 -2.30 20.09
CA VAL A 13 7.98 -3.13 20.39
C VAL A 13 9.25 -2.44 19.93
N THR A 14 10.28 -2.52 20.75
CA THR A 14 11.56 -1.92 20.41
C THR A 14 12.36 -2.90 19.57
N SER A 15 13.00 -2.38 18.53
CA SER A 15 13.83 -3.22 17.69
C SER A 15 14.79 -3.88 18.70
N GLY A 16 14.90 -5.20 18.65
CA GLY A 16 15.77 -5.89 19.58
C GLY A 16 15.00 -6.82 20.50
N GLU A 17 13.85 -6.38 20.99
CA GLU A 17 13.05 -7.26 21.85
C GLU A 17 12.18 -8.20 21.04
N SER A 18 11.66 -9.23 21.71
CA SER A 18 10.81 -10.23 21.07
C SER A 18 9.36 -9.90 21.38
N VAL A 19 8.48 -10.18 20.42
CA VAL A 19 7.05 -9.92 20.61
C VAL A 19 6.20 -11.12 20.20
N SER A 20 5.02 -11.23 20.80
CA SER A 20 4.10 -12.31 20.50
C SER A 20 2.77 -11.73 20.02
N ILE A 21 2.29 -12.26 18.89
CA ILE A 21 1.04 -11.83 18.28
C ILE A 21 0.07 -13.02 18.37
N SER A 22 -1.15 -12.76 18.84
CA SER A 22 -2.13 -13.83 18.99
C SER A 22 -3.29 -13.85 18.01
N CYS A 23 -3.94 -15.00 17.96
CA CYS A 23 -5.05 -15.24 17.05
C CYS A 23 -5.97 -16.29 17.68
N ARG A 24 -7.26 -16.00 17.74
CA ARG A 24 -8.22 -16.95 18.33
C ARG A 24 -9.31 -17.37 17.34
N SER A 25 -9.60 -18.66 17.33
CA SER A 25 -10.61 -19.24 16.45
C SER A 25 -11.90 -19.58 17.19
N SER A 26 -13.03 -19.50 16.49
CA SER A 26 -14.33 -19.82 17.08
C SER A 26 -14.55 -21.33 17.14
N ARG A 27 -13.74 -22.07 16.38
CA ARG A 27 -13.81 -23.54 16.36
C ARG A 27 -12.39 -24.09 16.41
N SER A 28 -12.25 -25.35 16.84
CA SER A 28 -10.93 -25.96 16.91
C SER A 28 -10.38 -26.22 15.53
N LEU A 29 -9.08 -26.03 15.36
CA LEU A 29 -8.44 -26.23 14.06
C LEU A 29 -7.64 -27.52 13.96
N LEU A 30 -7.77 -28.38 14.97
CA LEU A 30 -7.09 -29.67 14.97
C LEU A 30 -7.87 -30.60 14.06
N TYR A 31 -7.20 -31.16 13.05
CA TYR A 31 -7.86 -32.05 12.12
C TYR A 31 -7.77 -33.52 12.53
N LYS A 32 -8.62 -34.35 11.94
CA LYS A 32 -8.69 -35.77 12.27
C LYS A 32 -7.39 -36.50 11.95
N ASP A 33 -6.45 -35.80 11.33
CA ASP A 33 -5.17 -36.40 10.98
C ASP A 33 -4.10 -36.02 12.00
N GLY A 34 -4.52 -35.31 13.05
CA GLY A 34 -3.59 -34.90 14.09
C GLY A 34 -2.86 -33.59 13.86
N ARG A 35 -3.05 -33.00 12.69
CA ARG A 35 -2.39 -31.74 12.34
C ARG A 35 -3.34 -30.56 12.56
N THR A 36 -2.78 -29.40 12.92
CA THR A 36 -3.60 -28.23 13.13
C THR A 36 -3.37 -27.26 11.96
N TYR A 37 -4.42 -27.06 11.16
CA TYR A 37 -4.31 -26.20 9.97
C TYR A 37 -4.51 -24.70 10.19
N LEU A 38 -3.43 -24.03 10.58
CA LEU A 38 -3.46 -22.58 10.79
C LEU A 38 -2.23 -21.95 10.15
N ASN A 39 -2.45 -20.90 9.35
CA ASN A 39 -1.37 -20.20 8.67
C ASN A 39 -1.13 -18.82 9.30
N TRP A 40 0.10 -18.32 9.11
CA TRP A 40 0.48 -16.99 9.56
C TRP A 40 1.09 -16.28 8.36
N PHE A 41 0.57 -15.10 8.02
CA PHE A 41 1.11 -14.31 6.89
C PHE A 41 1.54 -12.93 7.40
N LEU A 42 2.47 -12.34 6.66
CA LEU A 42 2.94 -10.99 6.92
C LEU A 42 2.74 -10.22 5.63
N GLN A 43 2.10 -9.06 5.72
CA GLN A 43 1.92 -8.25 4.54
C GLN A 43 2.49 -6.86 4.81
N ARG A 44 3.45 -6.46 3.99
CA ARG A 44 4.04 -5.13 4.14
C ARG A 44 3.23 -4.21 3.24
N PRO A 45 3.23 -2.90 3.54
CA PRO A 45 2.46 -1.93 2.73
C PRO A 45 2.79 -2.05 1.25
N GLY A 46 1.74 -2.10 0.42
CA GLY A 46 1.94 -2.22 -1.01
C GLY A 46 2.45 -3.57 -1.48
N GLN A 47 2.65 -4.50 -0.54
CA GLN A 47 3.14 -5.84 -0.88
C GLN A 47 2.01 -6.87 -0.78
N SER A 48 2.25 -8.06 -1.31
CA SER A 48 1.28 -9.14 -1.26
C SER A 48 1.58 -9.94 0.01
N PRO A 49 0.59 -10.66 0.52
CA PRO A 49 0.82 -11.46 1.73
C PRO A 49 1.95 -12.48 1.46
N GLN A 50 2.76 -12.74 2.48
CA GLN A 50 3.86 -13.70 2.38
C GLN A 50 3.70 -14.72 3.51
N LEU A 51 3.71 -16.01 3.18
CA LEU A 51 3.54 -17.04 4.20
C LEU A 51 4.77 -17.22 5.08
N LEU A 52 4.53 -17.22 6.38
CA LEU A 52 5.59 -17.39 7.36
C LEU A 52 5.49 -18.76 8.01
N ILE A 53 4.27 -19.14 8.36
CA ILE A 53 4.04 -20.42 9.04
C ILE A 53 2.77 -21.13 8.58
N TYR A 54 2.87 -22.44 8.38
CA TYR A 54 1.70 -23.24 8.02
C TYR A 54 1.69 -24.45 8.97
N LEU A 55 0.55 -25.12 9.08
CA LEU A 55 0.43 -26.27 9.97
C LEU A 55 0.78 -25.85 11.39
N MET A 56 0.27 -24.67 11.76
CA MET A 56 0.47 -24.08 13.08
C MET A 56 1.89 -23.78 13.53
N SER A 57 2.85 -24.62 13.16
CA SER A 57 4.22 -24.39 13.61
C SER A 57 5.36 -24.66 12.64
N THR A 58 5.04 -25.03 11.40
CA THR A 58 6.10 -25.29 10.43
C THR A 58 6.45 -24.00 9.68
N ARG A 59 7.72 -23.68 9.65
CA ARG A 59 8.19 -22.48 8.98
C ARG A 59 8.27 -22.74 7.48
N ALA A 60 7.80 -21.78 6.69
CA ALA A 60 7.83 -21.91 5.24
C ALA A 60 9.27 -21.77 4.76
N SER A 61 9.53 -22.23 3.55
CA SER A 61 10.84 -22.17 2.94
C SER A 61 11.34 -20.72 2.82
N GLY A 62 12.60 -20.50 3.17
CA GLY A 62 13.18 -19.18 3.10
C GLY A 62 12.81 -18.27 4.25
N VAL A 63 11.95 -18.74 5.15
CA VAL A 63 11.52 -17.91 6.27
C VAL A 63 12.55 -17.89 7.40
N SER A 64 12.82 -16.69 7.90
CA SER A 64 13.77 -16.49 8.98
C SER A 64 13.38 -17.31 10.20
N ASP A 65 14.39 -17.80 10.92
CA ASP A 65 14.15 -18.62 12.11
C ASP A 65 13.74 -17.81 13.33
N ARG A 66 13.63 -16.49 13.17
CA ARG A 66 13.21 -15.64 14.28
C ARG A 66 11.71 -15.78 14.45
N PHE A 67 11.07 -16.41 13.46
CA PHE A 67 9.64 -16.63 13.47
C PHE A 67 9.32 -18.05 13.89
N SER A 68 8.38 -18.18 14.82
CA SER A 68 7.95 -19.47 15.31
C SER A 68 6.48 -19.37 15.75
N GLY A 69 5.74 -20.46 15.57
CA GLY A 69 4.35 -20.46 15.96
C GLY A 69 4.01 -21.65 16.83
N SER A 70 3.01 -21.47 17.68
CA SER A 70 2.53 -22.49 18.57
C SER A 70 1.08 -22.26 18.89
N GLY A 71 0.47 -23.15 19.68
CA GLY A 71 -0.93 -22.97 20.04
C GLY A 71 -1.58 -24.27 20.45
N SER A 72 -2.85 -24.17 20.86
CA SER A 72 -3.63 -25.33 21.28
C SER A 72 -4.57 -25.77 20.17
N GLY A 73 -5.83 -25.34 20.25
CA GLY A 73 -6.83 -25.71 19.28
C GLY A 73 -7.64 -24.49 18.87
N THR A 74 -7.71 -23.50 19.76
CA THR A 74 -8.46 -22.29 19.46
C THR A 74 -7.65 -21.02 19.71
N ASP A 75 -6.47 -21.19 20.31
CA ASP A 75 -5.59 -20.06 20.59
C ASP A 75 -4.21 -20.29 19.99
N PHE A 76 -3.79 -19.37 19.13
CA PHE A 76 -2.50 -19.48 18.45
C PHE A 76 -1.59 -18.27 18.63
N THR A 77 -0.30 -18.53 18.71
CA THR A 77 0.66 -17.47 18.90
C THR A 77 1.82 -17.50 17.92
N LEU A 78 2.16 -16.32 17.40
CA LEU A 78 3.27 -16.17 16.50
C LEU A 78 4.34 -15.40 17.30
N GLU A 79 5.50 -16.01 17.50
CA GLU A 79 6.54 -15.31 18.23
C GLU A 79 7.60 -14.80 17.27
N ILE A 80 7.90 -13.50 17.38
CA ILE A 80 8.90 -12.87 16.54
C ILE A 80 10.09 -12.53 17.42
N SER A 81 11.20 -13.24 17.23
CA SER A 81 12.41 -13.00 18.01
C SER A 81 13.28 -11.89 17.45
N ARG A 82 13.88 -11.13 18.34
CA ARG A 82 14.78 -10.06 17.97
C ARG A 82 14.21 -9.27 16.80
N VAL A 83 13.08 -8.62 17.06
CA VAL A 83 12.36 -7.81 16.07
C VAL A 83 13.25 -6.76 15.42
N LYS A 84 13.13 -6.60 14.10
CA LYS A 84 13.90 -5.58 13.40
C LYS A 84 12.98 -4.71 12.57
N ALA A 85 13.48 -3.52 12.20
CA ALA A 85 12.72 -2.55 11.41
C ALA A 85 11.93 -3.18 10.26
N GLU A 86 12.55 -4.13 9.56
CA GLU A 86 11.93 -4.79 8.42
C GLU A 86 10.68 -5.60 8.70
N ASP A 87 10.46 -5.99 9.95
CA ASP A 87 9.30 -6.80 10.29
C ASP A 87 7.98 -6.03 10.36
N VAL A 88 8.04 -4.71 10.19
CA VAL A 88 6.82 -3.91 10.27
C VAL A 88 5.78 -4.28 9.21
N GLY A 89 4.50 -4.24 9.59
CA GLY A 89 3.44 -4.60 8.67
C GLY A 89 2.25 -5.19 9.41
N VAL A 90 1.37 -5.87 8.68
CA VAL A 90 0.20 -6.49 9.28
C VAL A 90 0.31 -8.02 9.22
N TYR A 91 0.00 -8.67 10.35
CA TYR A 91 0.08 -10.12 10.46
C TYR A 91 -1.30 -10.76 10.49
N TYR A 92 -1.52 -11.69 9.56
CA TYR A 92 -2.80 -12.37 9.49
C TYR A 92 -2.66 -13.87 9.73
N CYS A 93 -3.67 -14.45 10.36
CA CYS A 93 -3.67 -15.89 10.55
C CYS A 93 -4.83 -16.37 9.68
N GLN A 94 -4.73 -17.60 9.20
CA GLN A 94 -5.77 -18.17 8.35
C GLN A 94 -6.04 -19.62 8.71
N GLN A 95 -7.31 -19.99 8.82
CA GLN A 95 -7.66 -21.36 9.13
C GLN A 95 -7.87 -22.11 7.83
N PHE A 96 -7.37 -23.33 7.79
CA PHE A 96 -7.45 -24.16 6.59
C PHE A 96 -8.08 -25.53 6.92
N VAL A 97 -8.98 -25.58 7.90
CA VAL A 97 -9.62 -26.84 8.29
C VAL A 97 -11.00 -27.06 7.71
N GLU A 98 -11.78 -25.99 7.55
CA GLU A 98 -13.11 -26.14 6.98
C GLU A 98 -13.41 -25.01 5.98
N TYR A 99 -14.25 -25.33 5.02
CA TYR A 99 -14.63 -24.38 3.99
C TYR A 99 -15.82 -23.55 4.48
N PRO A 100 -15.84 -22.24 4.16
CA PRO A 100 -14.82 -21.55 3.38
C PRO A 100 -13.64 -21.17 4.27
N PHE A 101 -12.45 -21.11 3.68
CA PHE A 101 -11.27 -20.74 4.44
C PHE A 101 -11.45 -19.28 4.82
N THR A 102 -11.01 -18.92 6.01
CA THR A 102 -11.18 -17.55 6.47
C THR A 102 -9.94 -17.00 7.13
N PHE A 103 -9.76 -15.69 7.00
CA PHE A 103 -8.63 -15.01 7.58
C PHE A 103 -9.04 -14.17 8.78
N GLY A 104 -8.09 -13.94 9.69
CA GLY A 104 -8.36 -13.09 10.83
C GLY A 104 -8.29 -11.65 10.32
N SER A 105 -8.69 -10.70 11.14
CA SER A 105 -8.70 -9.29 10.75
C SER A 105 -7.33 -8.61 10.65
N GLY A 106 -6.28 -9.27 11.11
CA GLY A 106 -4.94 -8.68 11.03
C GLY A 106 -4.45 -7.87 12.21
N THR A 107 -3.17 -8.02 12.54
CA THR A 107 -2.55 -7.28 13.65
C THR A 107 -1.35 -6.54 13.13
N LYS A 108 -1.38 -5.21 13.25
CA LYS A 108 -0.27 -4.40 12.79
C LYS A 108 0.83 -4.32 13.85
N LEU A 109 2.05 -4.61 13.45
CA LEU A 109 3.18 -4.54 14.36
C LEU A 109 3.66 -3.09 14.42
N GLU A 110 3.58 -2.49 15.60
CA GLU A 110 4.02 -1.11 15.78
C GLU A 110 5.39 -1.10 16.47
N ILE A 111 6.38 -0.48 15.82
CA ILE A 111 7.73 -0.41 16.36
C ILE A 111 7.92 0.87 17.18
N LYS A 112 8.64 0.75 18.30
CA LYS A 112 8.90 1.92 19.14
C LYS A 112 10.36 2.28 18.94
N ARG A 113 10.65 3.58 19.00
CA ARG A 113 12.02 4.05 18.83
C ARG A 113 12.20 5.46 19.40
N ALA A 114 13.40 6.00 19.24
CA ALA A 114 13.72 7.33 19.73
C ALA A 114 13.00 8.42 18.94
N ASP A 115 12.56 9.46 19.63
CA ASP A 115 11.88 10.58 18.99
C ASP A 115 12.77 11.19 17.92
N ALA A 116 12.15 11.80 16.92
CA ALA A 116 12.89 12.42 15.84
C ALA A 116 12.12 13.59 15.22
N ALA A 117 12.82 14.71 15.04
CA ALA A 117 12.25 15.89 14.43
C ALA A 117 12.11 15.67 12.93
N PRO A 118 10.97 16.05 12.36
CA PRO A 118 10.73 15.88 10.92
C PRO A 118 11.51 16.89 10.08
N THR A 119 11.87 16.48 8.86
CA THR A 119 12.55 17.37 7.95
C THR A 119 11.41 17.99 7.14
N VAL A 120 11.32 19.32 7.16
CA VAL A 120 10.26 20.04 6.48
C VAL A 120 10.70 20.75 5.20
N SER A 121 9.91 20.58 4.14
CA SER A 121 10.17 21.19 2.84
C SER A 121 8.88 21.77 2.26
N ILE A 122 8.93 23.00 1.77
CA ILE A 122 7.76 23.65 1.19
C ILE A 122 8.00 23.97 -0.29
N PHE A 123 6.99 23.73 -1.12
CA PHE A 123 7.09 23.97 -2.56
C PHE A 123 5.99 24.87 -3.13
N PRO A 124 6.38 25.90 -3.91
CA PRO A 124 5.42 26.83 -4.51
C PRO A 124 4.73 26.11 -5.65
N PRO A 125 3.57 26.61 -6.10
CA PRO A 125 2.92 25.90 -7.21
C PRO A 125 3.86 25.88 -8.42
N SER A 126 3.70 24.89 -9.31
CA SER A 126 4.53 24.81 -10.51
C SER A 126 3.93 25.74 -11.57
N SER A 127 4.75 26.19 -12.51
CA SER A 127 4.24 27.06 -13.56
C SER A 127 3.29 26.28 -14.46
N GLU A 128 3.53 24.97 -14.57
CA GLU A 128 2.66 24.13 -15.38
C GLU A 128 1.23 24.14 -14.83
N GLN A 129 1.08 24.03 -13.51
CA GLN A 129 -0.26 24.02 -12.91
C GLN A 129 -0.90 25.41 -12.94
N LEU A 130 -0.08 26.44 -12.78
CA LEU A 130 -0.58 27.82 -12.81
C LEU A 130 -1.20 28.19 -14.16
N THR A 131 -0.85 27.46 -15.22
CA THR A 131 -1.45 27.78 -16.51
C THR A 131 -2.84 27.15 -16.57
N SER A 132 -3.12 26.22 -15.67
CA SER A 132 -4.41 25.53 -15.63
C SER A 132 -5.46 26.27 -14.78
N GLY A 133 -5.04 27.30 -14.07
CA GLY A 133 -5.99 28.04 -13.24
C GLY A 133 -5.95 27.63 -11.78
N GLY A 134 -5.24 26.54 -11.50
CA GLY A 134 -5.12 26.05 -10.14
C GLY A 134 -3.75 26.35 -9.56
N ALA A 135 -3.62 26.19 -8.24
CA ALA A 135 -2.37 26.44 -7.54
C ALA A 135 -2.30 25.63 -6.26
N SER A 136 -1.37 24.68 -6.21
CA SER A 136 -1.21 23.86 -5.03
C SER A 136 0.15 24.13 -4.40
N VAL A 137 0.15 24.37 -3.10
CA VAL A 137 1.37 24.61 -2.37
C VAL A 137 1.55 23.33 -1.58
N VAL A 138 2.73 22.71 -1.72
CA VAL A 138 2.99 21.46 -1.05
C VAL A 138 4.03 21.55 0.05
N CYS A 139 3.79 20.78 1.11
CA CYS A 139 4.69 20.72 2.24
C CYS A 139 4.95 19.27 2.64
N PHE A 140 6.22 18.88 2.70
CA PHE A 140 6.57 17.51 3.08
C PHE A 140 7.20 17.51 4.49
N LEU A 141 6.75 16.60 5.34
CA LEU A 141 7.30 16.42 6.68
C LEU A 141 7.81 14.99 6.68
N ASN A 142 9.12 14.83 6.54
CA ASN A 142 9.70 13.49 6.45
C ASN A 142 10.47 12.95 7.66
N ASN A 143 10.37 11.63 7.83
CA ASN A 143 11.07 10.89 8.87
C ASN A 143 10.99 11.40 10.31
N PHE A 144 9.79 11.48 10.86
CA PHE A 144 9.62 11.94 12.22
C PHE A 144 9.03 10.84 13.12
N TYR A 145 9.15 11.04 14.42
CA TYR A 145 8.63 10.08 15.41
C TYR A 145 8.48 10.76 16.76
N PRO A 146 7.36 10.52 17.46
CA PRO A 146 6.21 9.66 17.14
C PRO A 146 5.30 10.19 16.03
N LYS A 147 4.46 9.32 15.48
CA LYS A 147 3.55 9.65 14.38
C LYS A 147 2.66 10.87 14.58
N ASP A 148 2.40 11.22 15.83
CA ASP A 148 1.57 12.37 16.16
C ASP A 148 2.27 13.64 15.70
N ILE A 149 1.62 14.40 14.81
CA ILE A 149 2.21 15.63 14.28
C ILE A 149 1.11 16.63 13.90
N ASN A 150 1.41 17.91 14.03
CA ASN A 150 0.44 18.95 13.67
C ASN A 150 1.01 19.93 12.66
N VAL A 151 0.29 20.11 11.55
CA VAL A 151 0.72 21.02 10.48
C VAL A 151 -0.26 22.17 10.27
N LYS A 152 0.27 23.38 10.20
CA LYS A 152 -0.57 24.56 10.02
C LYS A 152 -0.07 25.45 8.88
N TRP A 153 -1.00 25.91 8.05
CA TRP A 153 -0.65 26.77 6.94
C TRP A 153 -1.03 28.22 7.25
N LYS A 154 -0.23 29.15 6.77
CA LYS A 154 -0.50 30.58 6.97
C LYS A 154 -0.25 31.33 5.67
N ILE A 155 -1.17 32.19 5.30
CA ILE A 155 -1.00 33.01 4.12
C ILE A 155 -0.92 34.44 4.62
N ASP A 156 0.21 35.08 4.38
CA ASP A 156 0.43 36.45 4.82
C ASP A 156 0.17 36.60 6.32
N GLY A 157 0.74 35.68 7.09
CA GLY A 157 0.59 35.72 8.54
C GLY A 157 -0.67 35.10 9.11
N SER A 158 -1.76 35.12 8.35
CA SER A 158 -3.02 34.56 8.82
C SER A 158 -3.21 33.08 8.50
N GLU A 159 -3.78 32.37 9.47
CA GLU A 159 -4.03 30.94 9.34
C GLU A 159 -5.15 30.60 8.36
N ARG A 160 -4.85 29.67 7.46
CA ARG A 160 -5.81 29.23 6.45
C ARG A 160 -6.05 27.74 6.70
N GLN A 161 -7.32 27.32 6.77
CA GLN A 161 -7.64 25.91 7.02
C GLN A 161 -8.41 25.22 5.91
N ASN A 162 -9.03 25.99 5.02
CA ASN A 162 -9.78 25.39 3.92
C ASN A 162 -8.87 25.10 2.73
N GLY A 163 -9.23 24.08 1.96
CA GLY A 163 -8.45 23.69 0.79
C GLY A 163 -7.18 22.93 1.14
N VAL A 164 -7.15 22.33 2.32
CA VAL A 164 -5.99 21.57 2.79
C VAL A 164 -6.22 20.06 2.81
N LEU A 165 -5.36 19.30 2.14
CA LEU A 165 -5.45 17.84 2.12
C LEU A 165 -4.18 17.23 2.70
N ASN A 166 -4.35 16.20 3.54
CA ASN A 166 -3.19 15.56 4.16
C ASN A 166 -3.11 14.06 3.86
N SER A 167 -1.90 13.52 3.95
CA SER A 167 -1.65 12.12 3.68
C SER A 167 -0.47 11.65 4.52
N TRP A 168 -0.60 10.48 5.13
CA TRP A 168 0.44 9.92 5.97
C TRP A 168 0.84 8.57 5.42
N THR A 169 2.11 8.21 5.54
CA THR A 169 2.60 6.91 5.09
C THR A 169 2.52 5.94 6.26
N ASP A 170 2.81 4.67 6.00
CA ASP A 170 2.83 3.67 7.06
C ASP A 170 4.20 3.76 7.71
N GLN A 171 4.40 3.06 8.82
CA GLN A 171 5.69 3.11 9.49
C GLN A 171 6.82 2.66 8.55
N ASP A 172 7.91 3.43 8.53
CA ASP A 172 9.05 3.16 7.66
C ASP A 172 9.77 1.84 7.96
N SER A 173 9.99 1.05 6.92
CA SER A 173 10.67 -0.24 7.02
C SER A 173 12.15 -0.15 7.35
N LYS A 174 12.77 1.00 7.08
CA LYS A 174 14.18 1.15 7.36
C LYS A 174 14.52 1.78 8.70
N ASP A 175 13.90 2.91 9.03
CA ASP A 175 14.20 3.57 10.31
C ASP A 175 13.04 3.72 11.27
N SER A 176 11.91 3.09 10.95
CA SER A 176 10.72 3.12 11.81
C SER A 176 10.08 4.49 12.05
N THR A 177 10.35 5.45 11.19
CA THR A 177 9.76 6.79 11.34
C THR A 177 8.50 6.91 10.49
N TYR A 178 7.86 8.07 10.59
CA TYR A 178 6.66 8.36 9.81
C TYR A 178 6.92 9.57 8.92
N SER A 179 6.10 9.71 7.88
CA SER A 179 6.20 10.82 6.96
C SER A 179 4.80 11.33 6.63
N MET A 180 4.70 12.58 6.22
CA MET A 180 3.40 13.14 5.90
C MET A 180 3.49 14.20 4.80
N SER A 181 2.44 14.27 4.00
CA SER A 181 2.37 15.26 2.92
C SER A 181 1.14 16.12 3.14
N SER A 182 1.34 17.44 3.05
CA SER A 182 0.24 18.38 3.24
C SER A 182 0.13 19.34 2.05
N THR A 183 -1.04 19.35 1.41
CA THR A 183 -1.27 20.19 0.25
C THR A 183 -2.37 21.24 0.43
N LEU A 184 -2.03 22.49 0.16
CA LEU A 184 -2.96 23.62 0.25
C LEU A 184 -3.32 23.99 -1.20
N THR A 185 -4.61 23.91 -1.53
CA THR A 185 -5.04 24.23 -2.89
C THR A 185 -5.89 25.49 -2.98
N LEU A 186 -5.47 26.39 -3.86
CA LEU A 186 -6.14 27.67 -4.06
C LEU A 186 -6.33 27.90 -5.56
N THR A 187 -7.10 28.91 -5.92
CA THR A 187 -7.28 29.23 -7.33
C THR A 187 -6.03 30.02 -7.68
N LYS A 188 -5.73 30.14 -8.97
CA LYS A 188 -4.56 30.89 -9.38
C LYS A 188 -4.71 32.36 -8.94
N ASP A 189 -5.92 32.91 -9.10
CA ASP A 189 -6.18 34.29 -8.73
C ASP A 189 -5.95 34.54 -7.23
N GLU A 190 -6.47 33.63 -6.41
CA GLU A 190 -6.31 33.77 -4.97
C GLU A 190 -4.83 33.71 -4.61
N TYR A 191 -4.13 32.73 -5.17
CA TYR A 191 -2.70 32.58 -4.92
C TYR A 191 -1.93 33.86 -5.27
N GLU A 192 -2.44 34.61 -6.26
CA GLU A 192 -1.81 35.85 -6.70
C GLU A 192 -2.08 37.02 -5.75
N ARG A 193 -3.18 36.97 -5.01
CA ARG A 193 -3.56 38.03 -4.08
C ARG A 193 -2.70 38.09 -2.82
N HIS A 194 -1.72 37.19 -2.70
CA HIS A 194 -0.89 37.16 -1.50
C HIS A 194 0.57 36.91 -1.81
N ASN A 195 1.44 37.15 -0.84
CA ASN A 195 2.86 36.97 -1.06
C ASN A 195 3.55 35.93 -0.18
N SER A 196 3.21 35.93 1.11
CA SER A 196 3.83 35.01 2.05
C SER A 196 3.07 33.71 2.28
N TYR A 197 3.75 32.58 2.07
CA TYR A 197 3.16 31.25 2.28
C TYR A 197 4.03 30.49 3.27
N THR A 198 3.39 29.98 4.32
CA THR A 198 4.11 29.27 5.38
C THR A 198 3.52 27.94 5.81
N CYS A 199 4.41 27.00 6.13
CA CYS A 199 4.04 25.68 6.59
C CYS A 199 4.64 25.57 7.99
N GLU A 200 3.80 25.33 9.00
CA GLU A 200 4.28 25.19 10.38
C GLU A 200 3.97 23.81 10.98
N ALA A 201 5.01 23.15 11.46
CA ALA A 201 4.87 21.83 12.06
C ALA A 201 5.07 21.92 13.57
N THR A 202 4.22 21.21 14.31
CA THR A 202 4.32 21.18 15.77
C THR A 202 4.49 19.73 16.21
N HIS A 203 5.69 19.40 16.68
CA HIS A 203 5.99 18.04 17.09
C HIS A 203 6.50 17.99 18.53
N LYS A 204 6.44 16.78 19.09
CA LYS A 204 6.88 16.52 20.46
C LYS A 204 8.37 16.83 20.61
N THR A 205 9.11 16.69 19.53
CA THR A 205 10.55 16.92 19.54
C THR A 205 10.95 18.39 19.75
N SER A 206 9.98 19.29 19.79
CA SER A 206 10.30 20.71 19.99
C SER A 206 9.17 21.54 20.58
N THR A 207 9.53 22.52 21.40
CA THR A 207 8.56 23.41 22.02
C THR A 207 8.10 24.37 20.92
N SER A 208 9.07 24.86 20.16
CA SER A 208 8.81 25.78 19.07
C SER A 208 8.62 25.02 17.75
N PRO A 209 7.50 25.29 17.05
CA PRO A 209 7.19 24.63 15.78
C PRO A 209 8.25 24.87 14.71
N ILE A 210 8.41 23.91 13.81
CA ILE A 210 9.37 24.04 12.72
C ILE A 210 8.62 24.78 11.61
N VAL A 211 9.16 25.92 11.18
CA VAL A 211 8.50 26.70 10.15
C VAL A 211 9.28 26.81 8.84
N LYS A 212 8.55 26.67 7.75
CA LYS A 212 9.10 26.77 6.40
C LYS A 212 8.18 27.68 5.60
N SER A 213 8.77 28.57 4.80
CA SER A 213 7.95 29.47 4.01
C SER A 213 8.71 30.08 2.85
N PHE A 214 7.99 30.76 1.97
CA PHE A 214 8.59 31.42 0.82
C PHE A 214 7.74 32.64 0.46
N ASN A 215 8.32 33.57 -0.28
CA ASN A 215 7.58 34.75 -0.69
C ASN A 215 7.38 34.71 -2.19
N ARG A 216 6.13 34.76 -2.62
CA ARG A 216 5.81 34.70 -4.03
C ARG A 216 6.54 35.82 -4.78
N GLU B 1 12.02 -20.02 -12.24
CA GLU B 1 11.19 -20.38 -11.05
C GLU B 1 9.72 -20.21 -11.37
N VAL B 2 8.87 -20.34 -10.35
CA VAL B 2 7.43 -20.20 -10.52
C VAL B 2 6.95 -18.78 -10.22
N LYS B 3 6.08 -18.25 -11.08
CA LYS B 3 5.53 -16.91 -10.92
C LYS B 3 4.07 -16.81 -11.34
N LEU B 4 3.30 -16.03 -10.60
CA LEU B 4 1.88 -15.82 -10.86
C LEU B 4 1.71 -14.31 -11.11
N SER B 5 0.89 -13.95 -12.09
CA SER B 5 0.66 -12.54 -12.40
C SER B 5 -0.77 -12.29 -12.87
N GLU B 6 -1.49 -11.48 -12.10
CA GLU B 6 -2.88 -11.13 -12.38
C GLU B 6 -2.98 -10.00 -13.40
N SER B 7 -4.06 -9.98 -14.16
CA SER B 7 -4.29 -8.94 -15.15
C SER B 7 -5.80 -8.77 -15.33
N GLY B 8 -6.21 -7.58 -15.73
CA GLY B 8 -7.63 -7.32 -15.92
C GLY B 8 -7.98 -5.84 -15.88
N PRO B 9 -9.21 -5.47 -16.23
CA PRO B 9 -9.63 -4.07 -16.21
C PRO B 9 -9.51 -3.55 -14.78
N GLY B 10 -9.20 -2.27 -14.65
CA GLY B 10 -9.06 -1.71 -13.32
C GLY B 10 -10.31 -0.98 -12.84
N LEU B 11 -11.25 -0.76 -13.75
CA LEU B 11 -12.51 -0.08 -13.45
C LEU B 11 -13.68 -0.83 -14.10
N VAL B 12 -14.79 -0.95 -13.37
CA VAL B 12 -15.97 -1.65 -13.86
C VAL B 12 -17.21 -0.95 -13.33
N LYS B 13 -18.23 -0.81 -14.19
CA LYS B 13 -19.45 -0.14 -13.78
C LYS B 13 -20.36 -1.11 -13.01
N PRO B 14 -21.04 -0.61 -11.99
CA PRO B 14 -21.93 -1.47 -11.19
C PRO B 14 -22.95 -2.23 -12.05
N SER B 15 -23.21 -3.48 -11.66
CA SER B 15 -24.14 -4.38 -12.32
C SER B 15 -23.49 -5.14 -13.46
N GLN B 16 -22.31 -4.70 -13.90
CA GLN B 16 -21.63 -5.37 -14.98
C GLN B 16 -20.79 -6.54 -14.47
N SER B 17 -20.09 -7.22 -15.38
CA SER B 17 -19.29 -8.38 -15.02
C SER B 17 -17.79 -8.11 -14.93
N LEU B 18 -17.13 -8.81 -14.01
CA LEU B 18 -15.69 -8.67 -13.81
C LEU B 18 -14.93 -9.94 -14.25
N SER B 19 -13.89 -9.75 -15.04
CA SER B 19 -13.08 -10.87 -15.52
C SER B 19 -11.61 -10.58 -15.25
N LEU B 20 -10.93 -11.51 -14.59
CA LEU B 20 -9.52 -11.38 -14.27
C LEU B 20 -8.76 -12.60 -14.75
N THR B 21 -7.48 -12.40 -15.05
CA THR B 21 -6.62 -13.48 -15.53
C THR B 21 -5.36 -13.66 -14.67
N CYS B 22 -4.97 -14.92 -14.47
CA CYS B 22 -3.75 -15.18 -13.73
C CYS B 22 -2.85 -16.04 -14.62
N THR B 23 -1.71 -15.48 -14.99
CA THR B 23 -0.77 -16.18 -15.85
C THR B 23 0.31 -16.87 -15.01
N VAL B 24 0.39 -18.20 -15.14
CA VAL B 24 1.38 -18.95 -14.39
C VAL B 24 2.53 -19.39 -15.28
N THR B 25 3.76 -19.08 -14.86
CA THR B 25 4.94 -19.46 -15.62
C THR B 25 5.89 -20.26 -14.74
N GLY B 26 6.57 -21.24 -15.32
CA GLY B 26 7.49 -22.04 -14.54
C GLY B 26 6.87 -23.23 -13.83
N TYR B 27 5.56 -23.42 -14.01
CA TYR B 27 4.88 -24.54 -13.38
C TYR B 27 3.52 -24.76 -14.06
N SER B 28 3.15 -26.02 -14.22
CA SER B 28 1.90 -26.39 -14.87
C SER B 28 0.70 -26.36 -13.93
N ILE B 29 -0.40 -25.78 -14.39
CA ILE B 29 -1.61 -25.67 -13.59
C ILE B 29 -2.53 -26.90 -13.72
N THR B 30 -2.08 -27.93 -14.43
CA THR B 30 -2.88 -29.14 -14.57
C THR B 30 -2.57 -30.05 -13.39
N THR B 31 -1.75 -29.52 -12.48
CA THR B 31 -1.35 -30.26 -11.28
C THR B 31 -2.42 -30.18 -10.21
N ASN B 32 -2.34 -31.05 -9.21
CA ASN B 32 -3.34 -31.07 -8.14
C ASN B 32 -3.08 -30.04 -7.05
N TYR B 33 -3.04 -28.77 -7.42
CA TYR B 33 -2.84 -27.69 -6.49
C TYR B 33 -4.09 -26.81 -6.55
N ALA B 34 -4.36 -26.10 -5.46
CA ALA B 34 -5.50 -25.21 -5.40
C ALA B 34 -5.07 -23.85 -5.95
N TRP B 35 -5.33 -23.62 -7.24
CA TRP B 35 -4.99 -22.35 -7.88
C TRP B 35 -6.16 -21.48 -7.49
N THR B 36 -5.92 -20.60 -6.53
CA THR B 36 -6.99 -19.82 -5.96
C THR B 36 -6.99 -18.31 -6.10
N TRP B 37 -8.17 -17.74 -5.90
CA TRP B 37 -8.37 -16.30 -5.95
C TRP B 37 -8.74 -15.81 -4.56
N ILE B 38 -8.05 -14.76 -4.12
CA ILE B 38 -8.32 -14.16 -2.82
C ILE B 38 -8.43 -12.65 -3.06
N ARG B 39 -9.26 -11.95 -2.30
CA ARG B 39 -9.35 -10.50 -2.47
C ARG B 39 -9.26 -9.75 -1.13
N GLN B 40 -8.76 -8.53 -1.21
CA GLN B 40 -8.60 -7.68 -0.02
C GLN B 40 -9.33 -6.36 -0.23
N PHE B 41 -10.29 -6.09 0.64
CA PHE B 41 -11.10 -4.88 0.57
C PHE B 41 -10.34 -3.67 1.12
N PRO B 42 -10.88 -2.46 0.87
CA PRO B 42 -10.20 -1.28 1.41
C PRO B 42 -10.47 -1.44 2.91
N GLY B 43 -9.41 -1.55 3.71
CA GLY B 43 -9.60 -1.75 5.13
C GLY B 43 -8.79 -2.96 5.54
N ASN B 44 -8.20 -3.61 4.54
CA ASN B 44 -7.34 -4.78 4.72
C ASN B 44 -7.98 -6.14 4.93
N LYS B 45 -9.30 -6.18 5.02
CA LYS B 45 -9.99 -7.45 5.22
C LYS B 45 -9.79 -8.36 4.01
N LEU B 46 -9.37 -9.60 4.29
CA LEU B 46 -9.11 -10.62 3.27
C LEU B 46 -10.22 -11.68 3.17
N GLU B 47 -10.59 -12.03 1.95
CA GLU B 47 -11.63 -13.02 1.73
C GLU B 47 -11.24 -14.08 0.69
N TRP B 48 -11.48 -15.34 1.04
CA TRP B 48 -11.20 -16.45 0.14
C TRP B 48 -12.39 -16.50 -0.82
N MET B 49 -12.12 -16.46 -2.12
CA MET B 49 -13.17 -16.51 -3.11
C MET B 49 -13.39 -17.91 -3.68
N GLY B 50 -12.32 -18.64 -3.95
CA GLY B 50 -12.47 -19.98 -4.49
C GLY B 50 -11.20 -20.51 -5.12
N TYR B 51 -11.24 -21.72 -5.67
CA TYR B 51 -10.08 -22.32 -6.32
C TYR B 51 -10.45 -23.34 -7.40
N ILE B 52 -9.45 -23.75 -8.16
CA ILE B 52 -9.58 -24.77 -9.19
C ILE B 52 -8.33 -25.62 -9.07
N ARG B 53 -8.51 -26.94 -9.07
CA ARG B 53 -7.39 -27.87 -8.97
C ARG B 53 -7.58 -29.00 -9.98
N SER B 54 -6.47 -29.61 -10.40
CA SER B 54 -6.55 -30.71 -11.35
C SER B 54 -7.36 -30.39 -12.60
N SER B 55 -7.27 -29.15 -13.06
CA SER B 55 -7.96 -28.71 -14.27
C SER B 55 -9.50 -28.69 -14.29
N VAL B 56 -10.14 -29.63 -13.60
CA VAL B 56 -11.60 -29.71 -13.66
C VAL B 56 -12.39 -29.65 -12.35
N ILE B 57 -11.69 -29.42 -11.24
CA ILE B 57 -12.37 -29.36 -9.95
C ILE B 57 -12.29 -27.97 -9.33
N THR B 58 -13.44 -27.50 -8.85
CA THR B 58 -13.50 -26.17 -8.24
C THR B 58 -14.34 -26.14 -6.97
N ARG B 59 -14.24 -25.02 -6.26
CA ARG B 59 -15.02 -24.78 -5.06
C ARG B 59 -15.06 -23.27 -4.83
N TYR B 60 -16.21 -22.78 -4.38
CA TYR B 60 -16.38 -21.34 -4.17
C TYR B 60 -16.91 -20.96 -2.79
N ASN B 61 -16.70 -19.70 -2.42
CA ASN B 61 -17.18 -19.16 -1.13
C ASN B 61 -18.69 -19.03 -1.25
N PRO B 62 -19.44 -19.53 -0.25
CA PRO B 62 -20.91 -19.44 -0.31
C PRO B 62 -21.47 -18.01 -0.34
N SER B 63 -20.71 -17.05 0.18
CA SER B 63 -21.17 -15.66 0.22
C SER B 63 -21.19 -15.04 -1.17
N LEU B 64 -20.49 -15.67 -2.11
CA LEU B 64 -20.44 -15.17 -3.48
C LEU B 64 -21.61 -15.74 -4.27
N LYS B 65 -22.46 -16.49 -3.58
CA LYS B 65 -23.65 -17.07 -4.20
C LYS B 65 -23.35 -17.77 -5.52
N SER B 66 -24.16 -17.46 -6.52
CA SER B 66 -24.02 -18.05 -7.83
C SER B 66 -23.43 -17.07 -8.85
N ARG B 67 -22.77 -16.01 -8.38
CA ARG B 67 -22.20 -15.06 -9.32
C ARG B 67 -20.70 -15.20 -9.61
N ILE B 68 -20.07 -16.23 -9.06
CA ILE B 68 -18.65 -16.47 -9.31
C ILE B 68 -18.39 -17.74 -10.12
N SER B 69 -17.35 -17.69 -10.95
CA SER B 69 -16.96 -18.85 -11.76
C SER B 69 -15.43 -18.81 -11.97
N ILE B 70 -14.78 -19.97 -11.85
CA ILE B 70 -13.33 -20.05 -12.04
C ILE B 70 -13.03 -21.12 -13.09
N THR B 71 -12.32 -20.73 -14.15
CA THR B 71 -11.97 -21.67 -15.22
C THR B 71 -10.51 -21.53 -15.62
N GLN B 72 -10.07 -22.33 -16.57
CA GLN B 72 -8.68 -22.26 -17.02
C GLN B 72 -8.47 -22.62 -18.48
N ASP B 73 -7.41 -22.06 -19.07
CA ASP B 73 -7.04 -22.36 -20.44
C ASP B 73 -5.69 -23.04 -20.34
N THR B 74 -5.70 -24.36 -20.34
CA THR B 74 -4.49 -25.15 -20.23
C THR B 74 -3.41 -24.83 -21.26
N SER B 75 -3.81 -24.49 -22.48
CA SER B 75 -2.83 -24.21 -23.53
C SER B 75 -2.03 -22.93 -23.30
N LYS B 76 -2.55 -22.05 -22.45
CA LYS B 76 -1.84 -20.80 -22.15
C LYS B 76 -1.37 -20.78 -20.68
N ASN B 77 -1.71 -21.82 -19.93
CA ASN B 77 -1.34 -21.95 -18.52
C ASN B 77 -1.89 -20.77 -17.72
N GLN B 78 -3.17 -20.50 -17.93
CA GLN B 78 -3.89 -19.37 -17.32
C GLN B 78 -5.20 -19.83 -16.68
N PHE B 79 -5.52 -19.30 -15.51
CA PHE B 79 -6.82 -19.62 -14.92
C PHE B 79 -7.53 -18.26 -14.76
N PHE B 80 -8.85 -18.27 -14.73
CA PHE B 80 -9.58 -17.01 -14.70
C PHE B 80 -10.60 -16.89 -13.60
N LEU B 81 -10.99 -15.65 -13.35
CA LEU B 81 -12.00 -15.34 -12.36
C LEU B 81 -13.11 -14.55 -13.04
N GLN B 82 -14.36 -14.96 -12.80
CA GLN B 82 -15.52 -14.25 -13.34
C GLN B 82 -16.49 -13.93 -12.20
N LEU B 83 -16.81 -12.64 -12.05
CA LEU B 83 -17.74 -12.20 -11.00
C LEU B 83 -18.83 -11.35 -11.64
N ASN B 84 -20.06 -11.86 -11.66
CA ASN B 84 -21.17 -11.15 -12.27
C ASN B 84 -21.87 -10.14 -11.37
N SER B 85 -22.65 -9.26 -12.01
CA SER B 85 -23.40 -8.22 -11.33
C SER B 85 -22.66 -7.70 -10.11
N VAL B 86 -21.58 -6.94 -10.35
CA VAL B 86 -20.81 -6.41 -9.24
C VAL B 86 -21.44 -5.14 -8.70
N THR B 87 -21.09 -4.79 -7.47
CA THR B 87 -21.57 -3.57 -6.85
C THR B 87 -20.33 -2.90 -6.28
N THR B 88 -20.48 -1.67 -5.78
CA THR B 88 -19.35 -0.95 -5.20
C THR B 88 -18.69 -1.77 -4.09
N GLU B 89 -19.42 -2.72 -3.52
CA GLU B 89 -18.88 -3.55 -2.45
C GLU B 89 -17.85 -4.57 -2.94
N ASP B 90 -17.69 -4.67 -4.27
CA ASP B 90 -16.74 -5.58 -4.86
C ASP B 90 -15.41 -4.88 -5.16
N THR B 91 -15.34 -3.60 -4.78
CA THR B 91 -14.11 -2.84 -4.97
C THR B 91 -13.09 -3.43 -4.02
N ALA B 92 -11.97 -3.91 -4.57
CA ALA B 92 -10.91 -4.54 -3.78
C ALA B 92 -9.66 -4.81 -4.63
N THR B 93 -8.65 -5.40 -3.99
CA THR B 93 -7.43 -5.78 -4.69
C THR B 93 -7.57 -7.29 -4.82
N TYR B 94 -7.38 -7.81 -6.03
CA TYR B 94 -7.51 -9.22 -6.30
C TYR B 94 -6.17 -9.91 -6.52
N TYR B 95 -5.99 -11.04 -5.82
CA TYR B 95 -4.76 -11.83 -5.86
C TYR B 95 -5.00 -13.30 -6.26
N CYS B 96 -4.06 -13.88 -6.99
CA CYS B 96 -4.15 -15.32 -7.29
C CYS B 96 -3.02 -15.96 -6.48
N ALA B 97 -3.19 -17.21 -6.06
CA ALA B 97 -2.16 -17.89 -5.28
C ALA B 97 -2.23 -19.40 -5.45
N ARG B 98 -1.17 -20.08 -5.05
CA ARG B 98 -1.13 -21.52 -5.17
C ARG B 98 -1.03 -22.18 -3.80
N TYR B 99 -2.17 -22.65 -3.32
CA TYR B 99 -2.22 -23.33 -2.03
C TYR B 99 -2.05 -24.84 -2.22
N ASP B 100 -1.41 -25.50 -1.27
CA ASP B 100 -1.27 -26.93 -1.38
C ASP B 100 -2.19 -27.57 -0.34
N TYR B 101 -2.21 -28.90 -0.32
CA TYR B 101 -3.05 -29.62 0.64
C TYR B 101 -2.91 -29.16 2.09
N TYR B 102 -1.69 -28.85 2.50
CA TYR B 102 -1.46 -28.43 3.88
C TYR B 102 -1.65 -26.94 4.15
N GLY B 103 -1.98 -26.18 3.12
CA GLY B 103 -2.19 -24.76 3.29
C GLY B 103 -0.97 -23.92 3.00
N ASN B 104 0.10 -24.57 2.53
CA ASN B 104 1.34 -23.87 2.21
C ASN B 104 1.28 -23.25 0.81
N THR B 105 1.56 -21.95 0.75
CA THR B 105 1.55 -21.20 -0.52
C THR B 105 2.97 -20.90 -1.00
N GLY B 106 3.94 -21.00 -0.10
CA GLY B 106 5.30 -20.67 -0.49
C GLY B 106 5.26 -19.19 -0.81
N ASP B 107 6.04 -18.74 -1.79
CA ASP B 107 6.03 -17.33 -2.17
C ASP B 107 5.22 -17.23 -3.47
N TYR B 108 4.35 -18.22 -3.68
CA TYR B 108 3.53 -18.27 -4.88
C TYR B 108 2.25 -17.44 -4.86
N TRP B 109 2.42 -16.12 -4.88
CA TRP B 109 1.34 -15.16 -4.89
C TRP B 109 1.63 -14.15 -6.00
N GLY B 110 0.57 -13.66 -6.66
CA GLY B 110 0.78 -12.66 -7.70
C GLY B 110 0.93 -11.28 -7.05
N GLN B 111 1.28 -10.28 -7.84
CA GLN B 111 1.46 -8.94 -7.28
C GLN B 111 0.13 -8.28 -6.92
N GLY B 112 -0.98 -8.90 -7.35
CA GLY B 112 -2.31 -8.39 -7.08
C GLY B 112 -2.76 -7.34 -8.07
N THR B 113 -4.07 -7.26 -8.33
CA THR B 113 -4.58 -6.26 -9.27
C THR B 113 -5.78 -5.53 -8.69
N SER B 114 -5.77 -4.20 -8.80
CA SER B 114 -6.83 -3.38 -8.27
C SER B 114 -8.07 -3.21 -9.16
N VAL B 115 -9.25 -3.41 -8.58
CA VAL B 115 -10.50 -3.27 -9.31
C VAL B 115 -11.43 -2.31 -8.57
N THR B 116 -11.91 -1.29 -9.28
CA THR B 116 -12.82 -0.32 -8.70
C THR B 116 -14.15 -0.45 -9.43
N VAL B 117 -15.24 -0.46 -8.67
CA VAL B 117 -16.59 -0.54 -9.24
C VAL B 117 -17.21 0.83 -9.00
N SER B 118 -17.38 1.59 -10.08
CA SER B 118 -17.89 2.94 -9.96
C SER B 118 -18.48 3.43 -11.27
N SER B 119 -19.37 4.43 -11.17
CA SER B 119 -19.99 5.02 -12.35
C SER B 119 -19.13 6.18 -12.86
N ALA B 120 -18.14 6.59 -12.07
CA ALA B 120 -17.24 7.69 -12.40
C ALA B 120 -16.41 7.39 -13.65
N LYS B 121 -15.96 8.43 -14.33
CA LYS B 121 -15.19 8.19 -15.54
C LYS B 121 -13.69 8.23 -15.31
N THR B 122 -13.00 7.45 -16.13
CA THR B 122 -11.56 7.33 -16.13
C THR B 122 -10.99 8.69 -16.52
N THR B 123 -10.02 9.18 -15.76
CA THR B 123 -9.41 10.47 -16.01
C THR B 123 -7.89 10.37 -15.81
N PRO B 124 -7.10 10.79 -16.81
CA PRO B 124 -5.64 10.71 -16.64
C PRO B 124 -5.17 11.79 -15.67
N PRO B 125 -4.01 11.57 -15.04
CA PRO B 125 -3.50 12.55 -14.08
C PRO B 125 -2.65 13.60 -14.76
N SER B 126 -2.46 14.71 -14.04
CA SER B 126 -1.60 15.80 -14.48
C SER B 126 -0.43 15.67 -13.51
N VAL B 127 0.78 15.60 -14.05
CA VAL B 127 1.99 15.46 -13.23
C VAL B 127 2.71 16.79 -13.15
N TYR B 128 2.83 17.34 -11.95
CA TYR B 128 3.49 18.63 -11.79
C TYR B 128 4.77 18.50 -11.00
N PRO B 129 5.85 19.10 -11.49
CA PRO B 129 7.13 19.02 -10.78
C PRO B 129 7.15 19.93 -9.56
N LEU B 130 7.86 19.50 -8.52
CA LEU B 130 8.02 20.29 -7.30
C LEU B 130 9.51 20.52 -7.09
N ALA B 131 9.96 21.73 -7.40
CA ALA B 131 11.35 22.11 -7.23
C ALA B 131 11.39 23.14 -6.11
N PRO B 132 12.49 23.19 -5.34
CA PRO B 132 12.56 24.16 -4.26
C PRO B 132 12.54 25.61 -4.74
N GLY B 133 12.01 26.51 -3.92
CA GLY B 133 11.95 27.91 -4.28
C GLY B 133 13.33 28.46 -4.60
N THR B 134 14.17 28.56 -3.57
CA THR B 134 15.53 29.06 -3.76
C THR B 134 16.56 28.02 -3.32
N ALA B 135 17.83 28.42 -3.29
CA ALA B 135 18.90 27.52 -2.88
C ALA B 135 19.03 27.50 -1.36
N ALA B 136 18.88 26.33 -0.77
CA ALA B 136 18.99 26.19 0.68
C ALA B 136 20.46 26.09 1.09
N LEU B 137 20.71 25.65 2.32
CA LEU B 137 22.07 25.53 2.81
C LEU B 137 22.87 24.59 1.90
N LYS B 138 23.97 25.10 1.35
CA LYS B 138 24.81 24.31 0.46
C LYS B 138 25.54 23.19 1.19
N SER B 139 26.05 22.23 0.41
CA SER B 139 26.76 21.09 0.96
C SER B 139 25.86 20.33 1.93
N SER B 140 24.68 19.94 1.45
CA SER B 140 23.73 19.21 2.27
C SER B 140 22.79 18.34 1.42
N MET B 141 21.53 18.26 1.83
CA MET B 141 20.54 17.48 1.12
C MET B 141 19.47 18.39 0.53
N VAL B 142 18.80 17.90 -0.52
CA VAL B 142 17.74 18.66 -1.16
C VAL B 142 16.59 17.71 -1.48
N THR B 143 15.37 18.14 -1.17
CA THR B 143 14.20 17.33 -1.42
C THR B 143 13.47 17.84 -2.64
N LEU B 144 13.09 16.94 -3.53
CA LEU B 144 12.35 17.27 -4.74
C LEU B 144 11.09 16.41 -4.69
N GLY B 145 10.12 16.73 -5.55
CA GLY B 145 8.91 15.94 -5.56
C GLY B 145 8.10 16.09 -6.83
N CYS B 146 7.02 15.33 -6.89
CA CYS B 146 6.10 15.33 -8.01
C CYS B 146 4.71 15.29 -7.40
N LEU B 147 3.78 15.96 -8.04
CA LEU B 147 2.40 16.02 -7.60
C LEU B 147 1.59 15.43 -8.74
N VAL B 148 0.90 14.33 -8.46
CA VAL B 148 0.07 13.63 -9.44
C VAL B 148 -1.36 13.96 -9.05
N LYS B 149 -1.99 14.81 -9.84
CA LYS B 149 -3.33 15.31 -9.55
C LYS B 149 -4.47 15.07 -10.54
N GLY B 150 -5.63 14.76 -9.99
CA GLY B 150 -6.83 14.57 -10.79
C GLY B 150 -7.01 13.30 -11.60
N TYR B 151 -6.62 12.15 -11.07
CA TYR B 151 -6.80 10.93 -11.85
C TYR B 151 -7.87 10.04 -11.23
N PHE B 152 -8.36 9.10 -12.03
CA PHE B 152 -9.35 8.13 -11.59
C PHE B 152 -9.37 7.02 -12.63
N PRO B 153 -9.34 5.75 -12.19
CA PRO B 153 -9.27 5.33 -10.79
C PRO B 153 -7.84 5.04 -10.35
N GLU B 154 -7.71 4.36 -9.22
CA GLU B 154 -6.40 3.96 -8.73
C GLU B 154 -6.09 2.66 -9.50
N PRO B 155 -4.81 2.28 -9.61
CA PRO B 155 -3.70 3.02 -9.03
C PRO B 155 -2.89 3.76 -10.07
N VAL B 156 -1.71 4.18 -9.65
CA VAL B 156 -0.79 4.91 -10.48
C VAL B 156 0.58 4.46 -9.96
N THR B 157 1.52 4.23 -10.86
CA THR B 157 2.85 3.84 -10.42
C THR B 157 3.76 5.06 -10.57
N VAL B 158 4.60 5.29 -9.57
CA VAL B 158 5.52 6.42 -9.57
C VAL B 158 6.94 5.90 -9.32
N THR B 159 7.87 6.33 -10.15
CA THR B 159 9.27 5.91 -9.98
C THR B 159 10.17 7.10 -10.29
N TRP B 160 11.41 7.00 -9.85
CA TRP B 160 12.37 8.07 -10.11
C TRP B 160 13.54 7.52 -10.94
N ASN B 161 13.92 8.27 -11.96
CA ASN B 161 14.98 7.89 -12.88
C ASN B 161 14.84 6.44 -13.31
N SER B 162 13.63 6.11 -13.78
CA SER B 162 13.30 4.79 -14.27
C SER B 162 13.57 3.69 -13.25
N GLY B 163 13.60 4.05 -11.97
CA GLY B 163 13.83 3.04 -10.95
C GLY B 163 15.24 3.05 -10.38
N SER B 164 16.20 3.64 -11.09
CA SER B 164 17.58 3.66 -10.61
C SER B 164 17.73 4.53 -9.36
N LEU B 165 16.67 5.26 -9.01
CA LEU B 165 16.69 6.10 -7.80
C LEU B 165 15.60 5.53 -6.88
N SER B 166 16.01 4.74 -5.90
CA SER B 166 15.05 4.10 -5.00
C SER B 166 15.12 4.56 -3.54
N SER B 167 16.31 4.71 -3.00
CA SER B 167 16.44 5.12 -1.61
C SER B 167 16.16 6.61 -1.45
N GLY B 168 15.52 6.98 -0.36
CA GLY B 168 15.20 8.37 -0.12
C GLY B 168 13.90 8.79 -0.75
N VAL B 169 13.14 7.80 -1.23
CA VAL B 169 11.85 8.05 -1.87
C VAL B 169 10.63 7.73 -1.00
N HIS B 170 9.71 8.68 -0.93
CA HIS B 170 8.47 8.53 -0.18
C HIS B 170 7.29 8.90 -1.06
N THR B 171 6.43 7.91 -1.31
CA THR B 171 5.23 8.15 -2.11
C THR B 171 4.07 8.04 -1.12
N PHE B 172 3.30 9.12 -1.01
CA PHE B 172 2.19 9.17 -0.07
C PHE B 172 0.91 8.61 -0.65
N PRO B 173 0.11 7.93 0.19
CA PRO B 173 -1.16 7.36 -0.27
C PRO B 173 -1.99 8.46 -0.93
N ALA B 174 -2.86 8.07 -1.87
CA ALA B 174 -3.70 9.05 -2.55
C ALA B 174 -4.89 9.51 -1.72
N VAL B 175 -5.33 10.74 -1.95
CA VAL B 175 -6.48 11.28 -1.25
C VAL B 175 -7.59 11.53 -2.28
N LEU B 176 -8.73 10.86 -2.09
CA LEU B 176 -9.87 10.98 -3.00
C LEU B 176 -10.76 12.18 -2.69
N GLN B 177 -11.26 12.82 -3.74
CA GLN B 177 -12.13 13.98 -3.60
C GLN B 177 -12.81 14.32 -4.93
N SER B 178 -14.14 14.31 -4.92
CA SER B 178 -14.90 14.60 -6.13
C SER B 178 -14.54 13.60 -7.24
N ASP B 179 -14.57 12.32 -6.92
CA ASP B 179 -14.25 11.28 -7.89
C ASP B 179 -12.88 11.46 -8.55
N LEU B 180 -11.97 12.11 -7.85
CA LEU B 180 -10.62 12.33 -8.37
C LEU B 180 -9.55 12.20 -7.29
N TYR B 181 -8.47 11.50 -7.63
CA TYR B 181 -7.36 11.29 -6.70
C TYR B 181 -6.22 12.24 -6.92
N THR B 182 -5.46 12.46 -5.85
CA THR B 182 -4.28 13.31 -5.86
C THR B 182 -3.25 12.61 -4.99
N LEU B 183 -2.03 12.53 -5.48
CA LEU B 183 -0.98 11.87 -4.75
C LEU B 183 0.32 12.63 -4.93
N THR B 184 1.22 12.49 -3.96
CA THR B 184 2.52 13.15 -4.03
C THR B 184 3.62 12.16 -3.69
N SER B 185 4.83 12.52 -4.09
CA SER B 185 6.01 11.72 -3.87
C SER B 185 7.21 12.64 -3.75
N SER B 186 8.07 12.36 -2.78
CA SER B 186 9.26 13.15 -2.57
C SER B 186 10.48 12.26 -2.65
N VAL B 187 11.61 12.86 -2.97
CA VAL B 187 12.87 12.16 -3.04
C VAL B 187 13.93 13.13 -2.52
N THR B 188 14.81 12.62 -1.66
CA THR B 188 15.87 13.45 -1.09
C THR B 188 17.22 13.01 -1.64
N VAL B 189 18.02 13.98 -2.06
CA VAL B 189 19.34 13.69 -2.62
C VAL B 189 20.35 14.77 -2.24
N PRO B 190 21.65 14.42 -2.25
CA PRO B 190 22.69 15.39 -1.91
C PRO B 190 22.57 16.64 -2.78
N SER B 191 22.79 17.81 -2.20
CA SER B 191 22.71 19.05 -2.95
C SER B 191 23.67 19.02 -4.13
N SER B 192 24.59 18.07 -4.11
CA SER B 192 25.57 17.90 -5.19
C SER B 192 24.95 17.24 -6.41
N THR B 193 24.39 16.05 -6.23
CA THR B 193 23.78 15.31 -7.33
C THR B 193 22.75 16.11 -8.11
N TRP B 194 22.14 17.10 -7.47
CA TRP B 194 21.14 17.94 -8.14
C TRP B 194 21.47 19.40 -7.94
N PRO B 195 21.34 20.22 -8.99
CA PRO B 195 20.87 19.86 -10.34
C PRO B 195 21.93 19.33 -11.30
N SER B 196 23.12 19.01 -10.80
CA SER B 196 24.18 18.49 -11.68
C SER B 196 23.71 17.26 -12.45
N GLN B 197 23.05 16.34 -11.76
CA GLN B 197 22.52 15.12 -12.34
C GLN B 197 21.03 15.30 -12.52
N THR B 198 20.48 14.73 -13.58
CA THR B 198 19.06 14.88 -13.82
C THR B 198 18.20 13.93 -12.99
N VAL B 199 17.12 14.48 -12.44
CA VAL B 199 16.17 13.73 -11.64
C VAL B 199 14.83 13.83 -12.36
N THR B 200 14.23 12.67 -12.64
CA THR B 200 12.97 12.62 -13.36
C THR B 200 11.98 11.67 -12.67
N CYS B 201 10.72 12.06 -12.59
CA CYS B 201 9.73 11.16 -11.98
C CYS B 201 8.86 10.58 -13.10
N ASN B 202 8.77 9.26 -13.12
CA ASN B 202 8.00 8.53 -14.12
C ASN B 202 6.66 8.11 -13.55
N VAL B 203 5.58 8.55 -14.19
CA VAL B 203 4.24 8.24 -13.74
C VAL B 203 3.46 7.50 -14.80
N ALA B 204 2.89 6.36 -14.42
CA ALA B 204 2.09 5.56 -15.34
C ALA B 204 0.69 5.34 -14.76
N HIS B 205 -0.33 5.57 -15.58
CA HIS B 205 -1.71 5.38 -15.16
C HIS B 205 -2.32 4.33 -16.11
N PRO B 206 -2.27 3.06 -15.72
CA PRO B 206 -2.78 1.92 -16.49
C PRO B 206 -4.22 2.06 -17.00
N ALA B 207 -5.12 2.53 -16.14
CA ALA B 207 -6.52 2.65 -16.54
C ALA B 207 -6.72 3.53 -17.77
N SER B 208 -5.86 4.52 -17.96
CA SER B 208 -5.98 5.43 -19.11
C SER B 208 -4.88 5.18 -20.14
N SER B 209 -4.04 4.16 -19.89
CA SER B 209 -2.96 3.82 -20.81
C SER B 209 -2.01 4.99 -20.97
N THR B 210 -1.92 5.85 -19.96
CA THR B 210 -1.07 7.04 -20.02
C THR B 210 0.22 6.95 -19.21
N LYS B 211 1.27 7.55 -19.74
CA LYS B 211 2.57 7.58 -19.08
C LYS B 211 3.17 8.97 -19.20
N VAL B 212 3.70 9.49 -18.09
CA VAL B 212 4.31 10.80 -18.10
C VAL B 212 5.68 10.74 -17.44
N ASP B 213 6.64 11.47 -18.01
CA ASP B 213 7.99 11.55 -17.45
C ASP B 213 8.27 13.04 -17.29
N LYS B 214 8.27 13.51 -16.05
CA LYS B 214 8.51 14.92 -15.77
C LYS B 214 9.88 15.15 -15.12
N LYS B 215 10.77 15.84 -15.83
CA LYS B 215 12.09 16.15 -15.30
C LYS B 215 11.93 17.31 -14.32
N ILE B 216 12.68 17.29 -13.23
CA ILE B 216 12.62 18.36 -12.24
C ILE B 216 13.70 19.38 -12.55
N VAL B 217 13.31 20.62 -12.83
CA VAL B 217 14.30 21.64 -13.14
C VAL B 217 14.24 22.82 -12.18
N PRO B 218 15.42 23.40 -11.85
CA PRO B 218 15.50 24.54 -10.93
C PRO B 218 14.63 25.71 -11.36
N ARG B 219 14.01 26.36 -10.37
CA ARG B 219 13.13 27.50 -10.62
C ARG B 219 13.87 28.58 -11.40
ZN ZN C . 12.00 6.21 4.49
ZN ZN D . -20.28 -18.39 10.96
ZN ZN E . -7.00 36.33 -0.43
C21 ECG F . -6.51 -31.01 4.52
C24 ECG F . -6.87 -29.51 4.63
C26 ECG F . -7.23 -28.85 3.22
C29 ECG F . -8.47 -29.53 2.49
O1 ECG F . -9.02 -28.63 1.56
C18 ECG F . -7.88 -31.74 4.69
C10 ECG F . -8.95 -30.61 4.89
N12 ECG F . -8.09 -29.52 5.47
C8 ECG F . -9.59 -30.04 3.54
C6 ECG F . -10.61 -28.93 3.94
O5 ECG F . -11.79 -28.98 3.18
C1 ECG F . -12.84 -28.01 3.43
O7 ECG F . -10.37 -28.12 4.84
C14 ECG F . -7.83 -29.66 6.97
ZN ZN G . -6.63 -22.99 -25.26
ZN ZN H . 10.82 -18.87 -14.27
C BEZ I . -7.13 -32.51 -2.54
O1 BEZ I . -6.52 -33.47 -2.98
O2 BEZ I . -8.29 -32.69 -2.13
C1 BEZ I . -6.48 -31.12 -2.49
C2 BEZ I . -7.16 -30.14 -1.72
C3 BEZ I . -6.54 -28.83 -1.68
C4 BEZ I . -5.31 -28.51 -2.37
C5 BEZ I . -4.67 -29.55 -3.14
C6 BEZ I . -5.27 -30.84 -3.20
#